data_2C5S
#
_entry.id   2C5S
#
_cell.length_a   81.047
_cell.length_b   81.047
_cell.length_c   140.893
_cell.angle_alpha   90.00
_cell.angle_beta   90.00
_cell.angle_gamma   120.00
#
_symmetry.space_group_name_H-M   'P 32 2 1'
#
loop_
_entity.id
_entity.type
_entity.pdbx_description
1 polymer 'PROBABLE THIAMINE BIOSYNTHESIS PROTEIN THII'
2 non-polymer 'ADENOSINE MONOPHOSPHATE'
3 water water
#
_entity_poly.entity_id   1
_entity_poly.type   'polypeptide(L)'
_entity_poly.pdbx_seq_one_letter_code
;MGSSHHHHHHMTYEYILVRYGEMTTKGKNRSKFVSTLKDNVKFKLKKFPNIKIDATHDRMYIQLNGEDHEAVSERLKDVF
GIHKFNLAMKVPSELEDIKKGALAAFLQVKGDVKTFKITVHRSYKHFPMRTMELLPEIGGHILENTEDITVDVHNPDVNV
RVEIRSGYSYIMCDERMGAGGLPVGVGGKVMVLLSGGIDSPVAAYLTMKRGVSVEAVHFHSPPFTSERAKQKVIDLAQEL
TKYCKRVTLHLVPFTEVQKTINKEIPSSYSMTVMRRMMMRITERIAEERNALAITTGESLGQVASQTLDSMHTINEVTNY
PVIRPLITMDKLEIIKIAEEIGTYDISIRPYEDCCTVFTPASPATKPKREKANRFEAKYDFTPLIDEAVANKETMVLQTV
EVVAEEEKFEELF
;
_entity_poly.pdbx_strand_id   A
#
# COMPACT_ATOMS: atom_id res chain seq x y z
N TYR A 13 -10.05 16.17 -16.88
CA TYR A 13 -10.39 17.52 -16.30
C TYR A 13 -11.69 17.52 -15.49
N GLU A 14 -12.65 16.70 -15.90
CA GLU A 14 -13.95 16.60 -15.23
C GLU A 14 -14.02 15.36 -14.33
N TYR A 15 -13.35 14.29 -14.73
CA TYR A 15 -13.41 13.03 -13.98
C TYR A 15 -12.09 12.29 -13.89
N ILE A 16 -11.95 11.52 -12.82
CA ILE A 16 -10.94 10.47 -12.82
C ILE A 16 -11.62 9.11 -12.71
N LEU A 17 -11.34 8.25 -13.68
CA LEU A 17 -11.91 6.91 -13.72
C LEU A 17 -10.86 5.91 -13.31
N VAL A 18 -11.05 5.27 -12.16
CA VAL A 18 -10.05 4.31 -11.71
C VAL A 18 -10.46 2.91 -12.12
N ARG A 19 -9.51 2.18 -12.71
CA ARG A 19 -9.71 0.76 -12.99
C ARG A 19 -9.10 -0.10 -11.88
N TYR A 20 -9.88 -1.06 -11.40
CA TYR A 20 -9.49 -1.89 -10.28
C TYR A 20 -8.40 -2.88 -10.68
N GLY A 21 -7.67 -3.36 -9.67
CA GLY A 21 -6.64 -4.37 -9.84
C GLY A 21 -7.24 -5.64 -10.38
N GLU A 22 -7.59 -6.56 -9.48
CA GLU A 22 -8.23 -7.83 -9.83
C GLU A 22 -8.95 -8.42 -8.63
N MET A 23 -10.16 -8.95 -8.86
CA MET A 23 -10.91 -9.64 -7.79
C MET A 23 -11.83 -10.73 -8.34
N GLY A 27 -18.79 -11.62 -6.24
CA GLY A 27 -19.98 -11.22 -5.48
C GLY A 27 -19.61 -10.45 -4.23
N LYS A 28 -19.84 -11.05 -3.07
CA LYS A 28 -19.50 -10.44 -1.77
C LYS A 28 -18.02 -10.07 -1.65
N ASN A 29 -17.18 -10.76 -2.43
CA ASN A 29 -15.75 -10.44 -2.52
C ASN A 29 -15.49 -9.09 -3.18
N ARG A 30 -16.29 -8.75 -4.20
CA ARG A 30 -16.17 -7.45 -4.87
C ARG A 30 -16.66 -6.29 -4.03
N SER A 31 -17.80 -6.48 -3.34
CA SER A 31 -18.33 -5.48 -2.41
C SER A 31 -17.28 -5.07 -1.39
N LYS A 32 -16.69 -6.05 -0.72
CA LYS A 32 -15.64 -5.82 0.28
C LYS A 32 -14.41 -5.14 -0.34
N PHE A 33 -14.12 -5.43 -1.61
CA PHE A 33 -13.01 -4.82 -2.34
C PHE A 33 -13.30 -3.35 -2.67
N VAL A 34 -14.44 -3.10 -3.30
CA VAL A 34 -14.86 -1.78 -3.76
C VAL A 34 -14.94 -0.80 -2.59
N SER A 35 -15.66 -1.20 -1.54
CA SER A 35 -15.92 -0.30 -0.42
C SER A 35 -14.66 -0.05 0.39
N THR A 36 -13.73 -1.02 0.39
CA THR A 36 -12.43 -0.80 1.02
C THR A 36 -11.64 0.23 0.20
N LEU A 37 -11.68 0.09 -1.13
CA LEU A 37 -10.95 1.00 -1.97
C LEU A 37 -11.56 2.39 -1.85
N LYS A 38 -12.89 2.45 -1.88
CA LYS A 38 -13.61 3.72 -1.71
C LYS A 38 -13.15 4.46 -0.45
N ASP A 39 -13.19 3.78 0.70
CA ASP A 39 -12.81 4.39 1.99
C ASP A 39 -11.37 4.90 1.99
N ASN A 40 -10.46 4.11 1.42
CA ASN A 40 -9.03 4.44 1.35
C ASN A 40 -8.73 5.64 0.43
N VAL A 41 -9.46 5.70 -0.68
CA VAL A 41 -9.31 6.77 -1.66
C VAL A 41 -9.91 8.03 -1.06
N LYS A 42 -11.11 7.89 -0.50
CA LYS A 42 -11.81 8.96 0.19
C LYS A 42 -10.89 9.62 1.21
N PHE A 43 -10.36 8.83 2.13
CA PHE A 43 -9.40 9.32 3.12
C PHE A 43 -8.18 10.04 2.52
N LYS A 44 -7.65 9.51 1.42
CA LYS A 44 -6.46 10.07 0.78
C LYS A 44 -6.74 11.43 0.14
N LEU A 45 -7.99 11.63 -0.29
CA LEU A 45 -8.38 12.83 -1.02
C LEU A 45 -9.32 13.73 -0.23
N LYS A 46 -9.37 13.53 1.09
CA LYS A 46 -10.31 14.27 1.94
C LYS A 46 -10.02 15.77 1.99
N LYS A 47 -8.78 16.14 1.66
CA LYS A 47 -8.40 17.55 1.59
C LYS A 47 -8.79 18.16 0.24
N PHE A 48 -9.45 17.35 -0.59
CA PHE A 48 -10.14 17.82 -1.77
C PHE A 48 -11.66 17.58 -1.58
N PRO A 49 -12.30 18.39 -0.72
CA PRO A 49 -13.66 18.09 -0.26
C PRO A 49 -14.79 18.23 -1.31
N ASN A 50 -14.50 18.91 -2.42
CA ASN A 50 -15.47 19.05 -3.52
C ASN A 50 -15.73 17.77 -4.33
N ILE A 51 -14.83 16.80 -4.25
CA ILE A 51 -14.94 15.57 -5.05
C ILE A 51 -16.07 14.65 -4.59
N LYS A 52 -16.76 14.06 -5.55
CA LYS A 52 -17.73 13.00 -5.29
C LYS A 52 -17.19 11.72 -5.91
N ILE A 53 -17.32 10.62 -5.18
CA ILE A 53 -16.85 9.31 -5.63
C ILE A 53 -18.00 8.29 -5.71
N ASP A 54 -18.24 7.78 -6.91
CA ASP A 54 -19.11 6.63 -7.10
C ASP A 54 -18.25 5.44 -7.51
N ALA A 55 -18.39 4.35 -6.76
CA ALA A 55 -17.64 3.13 -7.04
C ALA A 55 -18.61 2.00 -7.36
N THR A 56 -18.66 1.60 -8.62
CA THR A 56 -19.42 0.43 -9.03
C THR A 56 -18.52 -0.81 -8.94
N HIS A 57 -19.08 -1.98 -9.24
CA HIS A 57 -18.32 -3.23 -9.20
C HIS A 57 -17.28 -3.36 -10.31
N ASP A 58 -17.38 -2.51 -11.32
CA ASP A 58 -16.43 -2.54 -12.44
C ASP A 58 -15.51 -1.32 -12.54
N ARG A 59 -15.96 -0.19 -12.00
CA ARG A 59 -15.24 1.06 -12.18
C ARG A 59 -15.50 1.99 -11.00
N MET A 60 -14.51 2.81 -10.68
CA MET A 60 -14.70 3.91 -9.74
C MET A 60 -14.61 5.25 -10.47
N TYR A 61 -15.65 6.06 -10.28
CA TYR A 61 -15.74 7.36 -10.92
C TYR A 61 -15.48 8.44 -9.87
N ILE A 62 -14.45 9.25 -10.10
CA ILE A 62 -14.20 10.40 -9.26
C ILE A 62 -14.61 11.69 -9.98
N GLN A 63 -15.74 12.24 -9.56
CA GLN A 63 -16.21 13.53 -10.03
C GLN A 63 -15.36 14.61 -9.37
N LEU A 64 -14.61 15.35 -10.19
CA LEU A 64 -13.67 16.36 -9.70
C LEU A 64 -14.32 17.65 -9.17
N ASN A 65 -15.30 18.18 -9.89
CA ASN A 65 -15.97 19.43 -9.49
C ASN A 65 -15.01 20.59 -9.26
N GLY A 66 -14.13 20.83 -10.23
CA GLY A 66 -13.18 21.93 -10.15
C GLY A 66 -11.84 21.62 -9.49
N GLU A 67 -11.81 20.60 -8.63
CA GLU A 67 -10.57 20.23 -7.94
C GLU A 67 -9.45 19.91 -8.91
N ASP A 68 -8.28 20.46 -8.64
CA ASP A 68 -7.07 20.23 -9.42
C ASP A 68 -6.85 18.73 -9.65
N HIS A 69 -7.01 18.31 -10.90
CA HIS A 69 -6.85 16.90 -11.28
C HIS A 69 -5.41 16.40 -11.11
N GLU A 70 -4.44 17.27 -11.36
CA GLU A 70 -3.03 16.93 -11.15
C GLU A 70 -2.72 16.65 -9.68
N ALA A 71 -3.19 17.53 -8.81
CA ALA A 71 -3.01 17.37 -7.38
C ALA A 71 -3.68 16.09 -6.89
N VAL A 72 -4.88 15.81 -7.39
CA VAL A 72 -5.59 14.57 -7.04
C VAL A 72 -4.85 13.35 -7.58
N SER A 73 -4.36 13.45 -8.82
CA SER A 73 -3.57 12.38 -9.43
C SER A 73 -2.35 11.98 -8.58
N GLU A 74 -1.64 12.99 -8.05
CA GLU A 74 -0.38 12.78 -7.34
C GLU A 74 -0.59 12.02 -6.02
N ARG A 75 -1.83 11.96 -5.55
CA ARG A 75 -2.15 11.29 -4.29
C ARG A 75 -2.82 9.95 -4.58
N LEU A 76 -3.54 9.90 -5.69
CA LEU A 76 -4.17 8.70 -6.19
C LEU A 76 -3.18 7.59 -6.53
N LYS A 77 -2.01 7.96 -7.04
CA LYS A 77 -1.02 6.96 -7.48
C LYS A 77 -0.34 6.15 -6.35
N ASP A 78 -0.64 6.50 -5.11
CA ASP A 78 -0.01 5.84 -3.98
C ASP A 78 -0.95 4.92 -3.24
N VAL A 79 -2.18 4.81 -3.75
CA VAL A 79 -3.22 4.02 -3.12
C VAL A 79 -3.25 2.60 -3.69
N PHE A 80 -3.04 1.61 -2.82
CA PHE A 80 -3.06 0.22 -3.25
C PHE A 80 -4.47 -0.13 -3.68
N GLY A 81 -4.58 -0.93 -4.74
CA GLY A 81 -5.88 -1.43 -5.21
C GLY A 81 -6.28 -0.85 -6.55
N ILE A 82 -5.51 0.14 -7.01
CA ILE A 82 -5.73 0.80 -8.28
C ILE A 82 -4.69 0.34 -9.29
N HIS A 83 -5.17 -0.26 -10.38
CA HIS A 83 -4.31 -0.71 -11.47
C HIS A 83 -3.86 0.49 -12.31
N LYS A 84 -4.85 1.21 -12.85
CA LYS A 84 -4.64 2.38 -13.70
C LYS A 84 -5.79 3.34 -13.47
N PHE A 85 -5.59 4.59 -13.85
CA PHE A 85 -6.68 5.56 -13.87
C PHE A 85 -6.55 6.58 -15.00
N ASN A 86 -7.67 7.21 -15.34
CA ASN A 86 -7.71 8.14 -16.46
C ASN A 86 -8.37 9.45 -16.09
N LEU A 87 -7.77 10.55 -16.54
CA LEU A 87 -8.40 11.86 -16.47
C LEU A 87 -9.38 11.89 -17.63
N ALA A 88 -10.66 11.97 -17.30
CA ALA A 88 -11.71 11.91 -18.32
C ALA A 88 -12.60 13.14 -18.38
N MET A 89 -13.21 13.33 -19.55
CA MET A 89 -14.29 14.29 -19.76
C MET A 89 -15.61 13.52 -19.82
N LYS A 90 -16.58 13.95 -19.02
CA LYS A 90 -17.95 13.41 -19.14
C LYS A 90 -18.81 14.42 -19.86
N VAL A 91 -19.18 14.08 -21.09
CA VAL A 91 -20.00 14.95 -21.93
C VAL A 91 -21.30 14.25 -22.30
N PRO A 92 -22.40 15.02 -22.44
CA PRO A 92 -23.63 14.49 -23.03
C PRO A 92 -23.37 13.76 -24.36
N SER A 93 -24.23 12.82 -24.70
CA SER A 93 -23.93 11.84 -25.74
C SER A 93 -24.62 12.07 -27.09
N GLU A 94 -24.35 13.21 -27.72
CA GLU A 94 -24.53 13.41 -29.16
C GLU A 94 -23.19 13.82 -29.77
N LEU A 95 -23.08 13.70 -31.09
CA LEU A 95 -21.82 13.96 -31.80
C LEU A 95 -21.11 15.25 -31.38
N GLU A 96 -21.88 16.34 -31.29
CA GLU A 96 -21.30 17.65 -31.01
C GLU A 96 -20.64 17.72 -29.64
N ASP A 97 -21.36 17.32 -28.60
CA ASP A 97 -20.80 17.33 -27.26
C ASP A 97 -19.60 16.37 -27.14
N ILE A 98 -19.63 15.29 -27.93
CA ILE A 98 -18.50 14.35 -28.06
C ILE A 98 -17.30 15.01 -28.74
N LYS A 99 -17.52 15.72 -29.85
CA LYS A 99 -16.45 16.44 -30.54
C LYS A 99 -15.73 17.40 -29.59
N LYS A 100 -16.52 18.20 -28.88
CA LYS A 100 -16.07 19.16 -27.86
C LYS A 100 -15.15 18.52 -26.81
N GLY A 101 -15.67 17.47 -26.14
CA GLY A 101 -14.99 16.78 -25.05
C GLY A 101 -13.67 16.17 -25.48
N ALA A 102 -13.64 15.65 -26.71
CA ALA A 102 -12.43 15.11 -27.29
C ALA A 102 -11.33 16.17 -27.35
N LEU A 103 -11.66 17.33 -27.90
CA LEU A 103 -10.73 18.46 -27.98
C LEU A 103 -10.22 18.89 -26.61
N ALA A 104 -11.15 19.08 -25.67
CA ALA A 104 -10.81 19.51 -24.31
C ALA A 104 -9.84 18.52 -23.66
N ALA A 105 -10.17 17.23 -23.74
CA ALA A 105 -9.29 16.16 -23.27
C ALA A 105 -7.91 16.20 -23.95
N PHE A 106 -7.91 16.42 -25.26
CA PHE A 106 -6.68 16.48 -26.03
C PHE A 106 -5.80 17.63 -25.56
N LEU A 107 -6.38 18.81 -25.42
CA LEU A 107 -5.64 20.01 -25.04
C LEU A 107 -5.05 19.96 -23.63
N GLN A 108 -5.59 19.10 -22.77
CA GLN A 108 -5.09 18.93 -21.40
C GLN A 108 -3.79 18.12 -21.36
N VAL A 109 -3.26 17.77 -22.53
CA VAL A 109 -2.05 16.94 -22.58
C VAL A 109 -0.79 17.75 -22.79
N LYS A 110 -0.06 17.96 -21.70
CA LYS A 110 1.26 18.59 -21.71
C LYS A 110 2.30 17.64 -22.33
N GLY A 111 3.42 18.21 -22.74
CA GLY A 111 4.47 17.44 -23.41
C GLY A 111 4.49 17.66 -24.91
N ASP A 112 5.50 17.08 -25.57
CA ASP A 112 5.70 17.22 -27.01
C ASP A 112 4.55 16.57 -27.80
N VAL A 113 3.47 17.34 -27.98
CA VAL A 113 2.27 16.85 -28.67
C VAL A 113 2.26 17.27 -30.15
N LYS A 114 2.36 16.30 -31.05
CA LYS A 114 2.46 16.59 -32.48
C LYS A 114 1.54 15.72 -33.33
N THR A 115 1.27 14.51 -32.87
CA THR A 115 0.40 13.59 -33.61
C THR A 115 -0.71 13.07 -32.70
N PHE A 116 -1.76 12.49 -33.30
CA PHE A 116 -2.81 11.84 -32.51
C PHE A 116 -3.51 10.66 -33.23
N LYS A 117 -4.46 10.07 -32.52
CA LYS A 117 -5.27 8.94 -33.00
C LYS A 117 -6.60 8.96 -32.25
N ILE A 118 -7.65 8.46 -32.90
CA ILE A 118 -8.93 8.31 -32.23
C ILE A 118 -9.36 6.84 -32.20
N THR A 119 -9.79 6.39 -31.01
CA THR A 119 -10.30 5.05 -30.79
C THR A 119 -11.66 5.13 -30.12
N VAL A 120 -12.62 4.37 -30.64
CA VAL A 120 -13.99 4.44 -30.15
C VAL A 120 -14.53 3.08 -29.67
N HIS A 121 -14.80 3.00 -28.37
CA HIS A 121 -15.57 1.88 -27.83
C HIS A 121 -17.04 2.28 -27.74
N ARG A 122 -17.90 1.47 -28.34
CA ARG A 122 -19.30 1.80 -28.46
C ARG A 122 -20.13 0.87 -27.56
N SER A 123 -20.21 1.18 -26.27
CA SER A 123 -21.03 0.35 -25.38
C SER A 123 -22.53 0.63 -25.53
N TYR A 124 -22.89 1.88 -25.83
CA TYR A 124 -24.27 2.22 -26.20
C TYR A 124 -24.55 1.80 -27.65
N LYS A 125 -25.17 0.63 -27.80
CA LYS A 125 -25.38 0.02 -29.11
C LYS A 125 -26.33 0.81 -30.00
N HIS A 126 -27.34 1.45 -29.39
CA HIS A 126 -28.32 2.25 -30.15
C HIS A 126 -27.88 3.69 -30.44
N PHE A 127 -26.58 3.98 -30.34
CA PHE A 127 -26.06 5.29 -30.73
C PHE A 127 -26.28 5.47 -32.23
N PRO A 128 -26.82 6.64 -32.64
CA PRO A 128 -27.22 6.86 -34.04
C PRO A 128 -26.12 6.62 -35.10
N MET A 129 -24.89 7.01 -34.81
CA MET A 129 -23.80 6.88 -35.79
C MET A 129 -22.94 5.65 -35.55
N ARG A 130 -22.27 5.20 -36.61
CA ARG A 130 -21.35 4.06 -36.53
C ARG A 130 -19.94 4.56 -36.25
N THR A 131 -19.15 3.72 -35.57
CA THR A 131 -17.73 3.99 -35.29
C THR A 131 -16.99 4.40 -36.56
N MET A 132 -17.21 3.66 -37.65
CA MET A 132 -16.65 4.00 -38.96
C MET A 132 -16.77 5.50 -39.25
N GLU A 133 -17.95 6.06 -39.00
CA GLU A 133 -18.26 7.46 -39.30
C GLU A 133 -17.77 8.44 -38.23
N LEU A 134 -17.83 8.00 -36.97
CA LEU A 134 -17.41 8.81 -35.82
C LEU A 134 -15.94 9.20 -35.88
N LEU A 135 -15.10 8.28 -36.35
CA LEU A 135 -13.65 8.50 -36.45
C LEU A 135 -13.28 9.80 -37.20
N PRO A 136 -13.62 9.90 -38.51
CA PRO A 136 -13.25 11.12 -39.23
C PRO A 136 -13.82 12.41 -38.63
N GLU A 137 -15.03 12.33 -38.06
CA GLU A 137 -15.70 13.47 -37.44
C GLU A 137 -14.90 14.07 -36.26
N ILE A 138 -14.64 13.24 -35.24
CA ILE A 138 -13.86 13.67 -34.07
C ILE A 138 -12.45 14.13 -34.46
N GLY A 139 -11.82 13.41 -35.40
CA GLY A 139 -10.50 13.78 -35.90
C GLY A 139 -10.51 15.14 -36.57
N GLY A 140 -11.50 15.34 -37.44
CA GLY A 140 -11.68 16.59 -38.16
C GLY A 140 -11.85 17.79 -37.23
N HIS A 141 -12.58 17.59 -36.14
CA HIS A 141 -12.84 18.67 -35.17
C HIS A 141 -11.58 19.10 -34.41
N ILE A 142 -10.76 18.13 -34.02
CA ILE A 142 -9.47 18.40 -33.39
C ILE A 142 -8.49 19.01 -34.41
N LEU A 143 -8.52 18.52 -35.65
CA LEU A 143 -7.68 19.06 -36.74
C LEU A 143 -7.92 20.54 -37.02
N GLU A 144 -9.19 20.93 -37.22
CA GLU A 144 -9.50 22.33 -37.50
C GLU A 144 -9.49 23.24 -36.26
N ASN A 145 -8.99 22.73 -35.13
CA ASN A 145 -8.94 23.50 -33.88
C ASN A 145 -7.58 23.46 -33.20
N THR A 146 -6.57 23.01 -33.93
CA THR A 146 -5.20 22.96 -33.45
C THR A 146 -4.32 23.50 -34.56
N GLU A 147 -3.01 23.64 -34.31
CA GLU A 147 -2.12 24.24 -35.29
C GLU A 147 -1.25 23.28 -36.11
N ASP A 148 -0.15 22.81 -35.54
CA ASP A 148 0.79 21.98 -36.31
C ASP A 148 0.65 20.50 -35.92
N ILE A 149 -0.55 19.94 -36.15
CA ILE A 149 -0.90 18.61 -35.65
C ILE A 149 -1.64 17.74 -36.67
N THR A 150 -1.15 16.50 -36.84
CA THR A 150 -1.72 15.53 -37.78
C THR A 150 -2.10 14.24 -37.06
N VAL A 151 -2.68 13.30 -37.81
CA VAL A 151 -3.02 11.97 -37.27
C VAL A 151 -2.01 10.90 -37.66
N ASP A 152 -1.68 10.02 -36.71
CA ASP A 152 -0.97 8.76 -37.00
C ASP A 152 -1.75 7.58 -36.43
N VAL A 153 -1.99 6.58 -37.27
CA VAL A 153 -2.68 5.37 -36.83
C VAL A 153 -1.66 4.38 -36.24
N HIS A 154 -0.41 4.54 -36.64
CA HIS A 154 0.66 3.63 -36.21
C HIS A 154 1.49 4.14 -35.04
N ASN A 155 1.87 5.41 -35.07
CA ASN A 155 2.74 5.97 -34.02
C ASN A 155 2.21 7.26 -33.39
N PRO A 156 1.04 7.17 -32.70
CA PRO A 156 0.40 8.39 -32.21
C PRO A 156 1.00 8.88 -30.88
N ASP A 157 1.17 10.20 -30.77
CA ASP A 157 1.59 10.82 -29.52
C ASP A 157 0.47 10.72 -28.49
N VAL A 158 -0.73 11.18 -28.88
CA VAL A 158 -1.89 11.18 -28.00
C VAL A 158 -2.95 10.26 -28.55
N ASN A 159 -3.33 9.26 -27.77
CA ASN A 159 -4.49 8.46 -28.12
C ASN A 159 -5.73 9.08 -27.50
N VAL A 160 -6.72 9.39 -28.34
CA VAL A 160 -7.98 9.94 -27.85
C VAL A 160 -9.03 8.84 -27.88
N ARG A 161 -9.39 8.36 -26.69
CA ARG A 161 -10.28 7.22 -26.55
C ARG A 161 -11.67 7.67 -26.16
N VAL A 162 -12.65 7.26 -26.95
CA VAL A 162 -14.01 7.70 -26.74
C VAL A 162 -14.86 6.52 -26.31
N GLU A 163 -15.35 6.56 -25.09
CA GLU A 163 -16.28 5.55 -24.59
C GLU A 163 -17.71 6.11 -24.71
N ILE A 164 -18.51 5.51 -25.58
CA ILE A 164 -19.86 6.00 -25.82
C ILE A 164 -20.92 5.17 -25.10
N ARG A 165 -21.57 5.83 -24.14
CA ARG A 165 -22.63 5.23 -23.31
C ARG A 165 -23.90 6.02 -23.52
N SER A 166 -25.03 5.51 -23.05
CA SER A 166 -26.29 6.25 -23.17
C SER A 166 -26.29 7.45 -22.21
N GLY A 167 -26.83 8.57 -22.67
CA GLY A 167 -26.85 9.80 -21.90
C GLY A 167 -25.50 10.49 -21.87
N TYR A 168 -24.52 9.85 -21.23
CA TYR A 168 -23.20 10.45 -21.06
C TYR A 168 -22.05 9.59 -21.60
N SER A 169 -21.03 10.25 -22.13
CA SER A 169 -19.88 9.58 -22.73
C SER A 169 -18.56 10.13 -22.20
N TYR A 170 -17.56 9.27 -22.09
CA TYR A 170 -16.24 9.66 -21.58
C TYR A 170 -15.16 9.73 -22.66
N ILE A 171 -14.36 10.79 -22.59
CA ILE A 171 -13.18 10.93 -23.44
C ILE A 171 -11.95 11.05 -22.55
N MET A 172 -10.86 10.41 -22.95
CA MET A 172 -9.61 10.42 -22.18
C MET A 172 -8.36 10.24 -23.05
N CYS A 173 -7.27 10.86 -22.62
CA CYS A 173 -5.99 10.79 -23.35
C CYS A 173 -4.82 10.51 -22.41
N ASP A 174 -5.10 10.53 -21.12
CA ASP A 174 -4.06 10.58 -20.10
C ASP A 174 -4.16 9.39 -19.16
N GLU A 175 -3.52 8.28 -19.52
CA GLU A 175 -3.54 7.05 -18.73
C GLU A 175 -2.31 6.90 -17.82
N ARG A 176 -2.56 6.91 -16.52
CA ARG A 176 -1.52 6.81 -15.50
C ARG A 176 -1.56 5.47 -14.79
N MET A 177 -0.39 4.96 -14.45
CA MET A 177 -0.30 3.72 -13.69
C MET A 177 -0.62 4.01 -12.25
N GLY A 178 -1.28 3.06 -11.59
CA GLY A 178 -1.51 3.13 -10.15
C GLY A 178 -0.49 2.28 -9.40
N ALA A 179 -0.65 2.20 -8.09
CA ALA A 179 0.29 1.46 -7.24
C ALA A 179 0.12 -0.06 -7.35
N GLY A 180 -1.04 -0.51 -7.84
CA GLY A 180 -1.33 -1.92 -7.94
C GLY A 180 -1.63 -2.53 -6.59
N GLY A 181 -1.39 -3.83 -6.46
CA GLY A 181 -1.75 -4.55 -5.26
C GLY A 181 -3.24 -4.48 -4.95
N LEU A 182 -3.56 -4.60 -3.67
CA LEU A 182 -4.93 -4.78 -3.20
C LEU A 182 -5.30 -3.73 -2.16
N PRO A 183 -6.58 -3.27 -2.16
CA PRO A 183 -6.97 -2.21 -1.23
C PRO A 183 -6.59 -2.59 0.19
N VAL A 184 -5.84 -1.72 0.87
CA VAL A 184 -5.42 -2.02 2.24
C VAL A 184 -6.63 -2.22 3.14
N GLY A 185 -6.75 -3.43 3.68
CA GLY A 185 -7.83 -3.77 4.60
C GLY A 185 -8.65 -4.95 4.11
N VAL A 186 -8.74 -5.12 2.80
CA VAL A 186 -9.54 -6.20 2.23
C VAL A 186 -9.17 -7.61 2.73
N GLY A 187 -7.89 -7.86 2.98
CA GLY A 187 -7.42 -9.18 3.35
C GLY A 187 -7.41 -9.46 4.85
N GLY A 188 -7.66 -8.44 5.66
CA GLY A 188 -7.59 -8.63 7.10
C GLY A 188 -6.50 -7.82 7.76
N LYS A 189 -6.02 -8.30 8.90
CA LYS A 189 -5.11 -7.50 9.71
C LYS A 189 -4.06 -8.40 10.33
N VAL A 190 -2.82 -7.94 10.32
CA VAL A 190 -1.74 -8.67 10.99
C VAL A 190 -0.94 -7.71 11.88
N MET A 191 -0.13 -8.26 12.79
CA MET A 191 0.79 -7.43 13.55
C MET A 191 2.06 -7.55 12.78
N VAL A 192 2.75 -6.44 12.55
CA VAL A 192 4.07 -6.49 11.97
C VAL A 192 5.11 -6.14 13.01
N LEU A 193 6.10 -7.02 13.17
CA LEU A 193 7.19 -6.73 14.09
C LEU A 193 8.17 -5.77 13.45
N LEU A 194 8.16 -4.53 13.94
CA LEU A 194 8.97 -3.45 13.35
C LEU A 194 10.21 -3.12 14.18
N SER A 195 11.36 -3.11 13.51
CA SER A 195 12.60 -2.75 14.17
C SER A 195 13.27 -1.70 13.31
N GLY A 196 14.40 -1.20 13.77
CA GLY A 196 15.08 -0.10 13.08
C GLY A 196 15.89 -0.45 11.84
N GLY A 197 15.98 -1.73 11.49
CA GLY A 197 16.77 -2.15 10.32
C GLY A 197 16.07 -1.88 9.00
N ILE A 198 16.73 -2.26 7.92
CA ILE A 198 16.23 -2.02 6.59
C ILE A 198 15.01 -2.93 6.30
N ASP A 199 15.03 -4.14 6.85
CA ASP A 199 14.12 -5.19 6.45
C ASP A 199 12.69 -4.98 6.88
N SER A 200 12.45 -4.81 8.18
CA SER A 200 11.09 -4.90 8.67
C SER A 200 10.10 -3.91 8.02
N PRO A 201 10.51 -2.63 7.82
CA PRO A 201 9.59 -1.74 7.12
C PRO A 201 9.23 -2.23 5.71
N VAL A 202 10.19 -2.79 4.99
CA VAL A 202 9.90 -3.35 3.68
C VAL A 202 8.83 -4.46 3.76
N ALA A 203 8.99 -5.36 4.73
CA ALA A 203 8.04 -6.43 4.97
C ALA A 203 6.66 -5.87 5.31
N ALA A 204 6.60 -4.82 6.12
CA ALA A 204 5.33 -4.17 6.42
C ALA A 204 4.68 -3.68 5.12
N TYR A 205 5.47 -2.98 4.32
CA TYR A 205 5.01 -2.45 3.03
C TYR A 205 4.46 -3.55 2.12
N LEU A 206 5.18 -4.66 1.98
CA LEU A 206 4.74 -5.71 1.07
C LEU A 206 3.48 -6.37 1.58
N THR A 207 3.29 -6.40 2.90
CA THR A 207 2.09 -6.96 3.48
C THR A 207 0.88 -6.10 3.07
N MET A 208 1.04 -4.79 3.19
CA MET A 208 -0.01 -3.85 2.83
C MET A 208 -0.37 -3.90 1.36
N LYS A 209 0.61 -4.10 0.51
CA LYS A 209 0.37 -4.15 -0.93
C LYS A 209 -0.52 -5.36 -1.33
N ARG A 210 -0.53 -6.40 -0.50
CA ARG A 210 -1.41 -7.53 -0.74
C ARG A 210 -2.74 -7.36 0.01
N GLY A 211 -3.03 -6.11 0.37
CA GLY A 211 -4.34 -5.76 0.90
C GLY A 211 -4.56 -6.12 2.35
N VAL A 212 -3.47 -6.37 3.07
CA VAL A 212 -3.54 -6.65 4.48
C VAL A 212 -3.04 -5.46 5.26
N SER A 213 -3.90 -4.92 6.13
CA SER A 213 -3.49 -3.80 6.97
C SER A 213 -2.60 -4.32 8.08
N VAL A 214 -1.67 -3.49 8.53
CA VAL A 214 -0.70 -3.89 9.52
C VAL A 214 -0.81 -3.00 10.74
N GLU A 215 -0.64 -3.59 11.91
CA GLU A 215 -0.40 -2.82 13.12
C GLU A 215 1.02 -3.14 13.50
N ALA A 216 1.81 -2.12 13.76
CA ALA A 216 3.22 -2.35 14.07
C ALA A 216 3.45 -2.57 15.56
N VAL A 217 4.38 -3.48 15.84
CA VAL A 217 4.76 -3.80 17.20
C VAL A 217 6.28 -3.67 17.32
N HIS A 218 6.70 -2.81 18.25
CA HIS A 218 8.11 -2.61 18.47
C HIS A 218 8.49 -2.82 19.92
N PHE A 219 9.48 -3.68 20.15
CA PHE A 219 10.05 -3.89 21.48
C PHE A 219 11.25 -2.98 21.68
N HIS A 220 11.21 -2.22 22.76
CA HIS A 220 12.29 -1.32 23.12
C HIS A 220 12.58 -1.49 24.60
N SER A 221 13.83 -1.23 24.98
CA SER A 221 14.25 -1.41 26.37
C SER A 221 14.85 -0.09 26.84
N PRO A 222 13.97 0.87 27.17
CA PRO A 222 14.23 2.29 27.40
C PRO A 222 15.55 2.66 28.08
N PRO A 223 15.98 1.92 29.12
CA PRO A 223 17.26 2.41 29.66
C PRO A 223 18.41 2.16 28.68
N PHE A 224 18.66 0.88 28.36
CA PHE A 224 19.79 0.52 27.51
C PHE A 224 19.49 0.30 26.02
N THR A 225 18.39 0.89 25.54
CA THR A 225 18.28 1.29 24.13
C THR A 225 17.94 2.79 24.09
N SER A 226 18.42 3.49 23.08
CA SER A 226 18.29 4.97 23.02
C SER A 226 16.93 5.46 22.51
N GLU A 227 16.58 6.69 22.89
CA GLU A 227 15.40 7.37 22.35
C GLU A 227 15.52 7.59 20.84
N ARG A 228 16.74 7.89 20.40
CA ARG A 228 17.07 8.00 18.98
C ARG A 228 16.71 6.73 18.18
N ALA A 229 16.88 5.55 18.78
CA ALA A 229 16.53 4.27 18.14
C ALA A 229 15.01 4.07 18.07
N LYS A 230 14.33 4.47 19.14
CA LYS A 230 12.87 4.47 19.20
C LYS A 230 12.31 5.47 18.17
N GLN A 231 12.95 6.63 18.04
CA GLN A 231 12.54 7.58 17.01
C GLN A 231 12.66 7.03 15.59
N LYS A 232 13.66 6.17 15.36
CA LYS A 232 13.78 5.53 14.06
C LYS A 232 12.52 4.75 13.74
N VAL A 233 12.11 3.88 14.67
CA VAL A 233 10.92 3.08 14.45
C VAL A 233 9.67 3.96 14.23
N ILE A 234 9.53 5.01 15.03
CA ILE A 234 8.44 5.96 14.84
C ILE A 234 8.50 6.60 13.45
N ASP A 235 9.68 7.09 13.07
CA ASP A 235 9.89 7.62 11.72
C ASP A 235 9.56 6.58 10.63
N LEU A 236 9.98 5.32 10.81
CA LEU A 236 9.66 4.29 9.84
C LEU A 236 8.15 4.08 9.75
N ALA A 237 7.48 4.00 10.90
CA ALA A 237 6.03 3.86 10.91
C ALA A 237 5.35 5.09 10.30
N GLN A 238 5.91 6.26 10.57
CA GLN A 238 5.39 7.48 9.95
C GLN A 238 5.48 7.40 8.44
N GLU A 239 6.60 6.93 7.93
CA GLU A 239 6.80 6.88 6.49
C GLU A 239 5.80 5.92 5.82
N LEU A 240 5.46 4.84 6.51
CA LEU A 240 4.53 3.88 5.99
C LEU A 240 3.11 4.43 5.87
N THR A 241 2.83 5.57 6.50
CA THR A 241 1.48 6.16 6.41
C THR A 241 1.12 6.60 5.00
N LYS A 242 2.13 6.76 4.13
CA LYS A 242 1.92 7.07 2.72
C LYS A 242 1.06 6.02 1.98
N TYR A 243 0.98 4.81 2.53
CA TYR A 243 0.47 3.66 1.81
C TYR A 243 -0.83 3.14 2.35
N CYS A 244 -1.38 3.80 3.36
CA CYS A 244 -2.60 3.37 4.01
C CYS A 244 -3.21 4.57 4.73
N LYS A 245 -4.34 4.38 5.43
CA LYS A 245 -5.02 5.47 6.15
C LYS A 245 -4.24 5.90 7.39
N ARG A 246 -3.86 4.93 8.21
CA ARG A 246 -3.08 5.21 9.41
C ARG A 246 -2.27 4.00 9.83
N VAL A 247 -1.21 4.25 10.58
CA VAL A 247 -0.39 3.18 11.13
C VAL A 247 -0.50 3.24 12.64
N THR A 248 -1.00 2.16 13.22
CA THR A 248 -1.04 1.99 14.66
C THR A 248 0.27 1.34 15.06
N LEU A 249 0.97 1.99 15.98
CA LEU A 249 2.25 1.51 16.46
C LEU A 249 2.19 1.19 17.94
N HIS A 250 2.42 -0.07 18.27
CA HIS A 250 2.48 -0.50 19.68
C HIS A 250 3.93 -0.56 20.16
N LEU A 251 4.24 0.21 21.20
CA LEU A 251 5.58 0.22 21.76
C LEU A 251 5.59 -0.58 23.05
N VAL A 252 6.22 -1.75 23.03
CA VAL A 252 6.23 -2.62 24.19
C VAL A 252 7.51 -2.43 24.99
N PRO A 253 7.37 -2.14 26.29
CA PRO A 253 8.52 -1.97 27.19
C PRO A 253 9.09 -3.35 27.51
N PHE A 254 10.35 -3.57 27.15
CA PHE A 254 10.90 -4.93 27.18
C PHE A 254 12.02 -5.09 28.23
N THR A 255 12.48 -3.97 28.76
CA THR A 255 13.62 -3.93 29.67
C THR A 255 13.58 -4.94 30.83
N GLU A 256 12.48 -4.99 31.59
CA GLU A 256 12.35 -5.97 32.69
C GLU A 256 12.49 -7.43 32.23
N VAL A 257 11.88 -7.76 31.09
CA VAL A 257 11.98 -9.10 30.50
C VAL A 257 13.43 -9.38 30.10
N GLN A 258 14.09 -8.35 29.56
CA GLN A 258 15.46 -8.47 29.14
C GLN A 258 16.36 -8.73 30.34
N LYS A 259 16.14 -7.96 31.40
CA LYS A 259 16.88 -8.14 32.65
C LYS A 259 16.73 -9.56 33.21
N THR A 260 15.48 -10.03 33.34
CA THR A 260 15.20 -11.34 33.90
C THR A 260 15.86 -12.48 33.11
N ILE A 261 15.85 -12.35 31.78
CA ILE A 261 16.52 -13.31 30.89
C ILE A 261 18.03 -13.40 31.18
N ASN A 262 18.66 -12.25 31.37
CA ASN A 262 20.07 -12.20 31.71
C ASN A 262 20.38 -12.89 33.03
N LYS A 263 19.45 -12.80 33.98
CA LYS A 263 19.62 -13.43 35.31
C LYS A 263 19.27 -14.94 35.30
N GLU A 264 18.16 -15.29 34.65
CA GLU A 264 17.62 -16.66 34.73
C GLU A 264 18.10 -17.62 33.64
N ILE A 265 18.55 -17.09 32.51
CA ILE A 265 18.86 -17.91 31.33
C ILE A 265 20.37 -17.97 31.08
N PRO A 266 20.89 -19.17 30.78
CA PRO A 266 22.29 -19.27 30.35
C PRO A 266 22.54 -18.37 29.13
N SER A 267 23.68 -17.69 29.13
CA SER A 267 23.95 -16.64 28.14
C SER A 267 23.84 -17.11 26.68
N SER A 268 24.25 -18.35 26.40
CA SER A 268 24.25 -18.86 25.04
C SER A 268 22.85 -18.96 24.43
N TYR A 269 21.83 -18.77 25.28
CA TYR A 269 20.43 -18.91 24.90
C TYR A 269 19.61 -17.67 25.21
N SER A 270 20.25 -16.66 25.76
CA SER A 270 19.56 -15.44 26.15
C SER A 270 18.83 -14.79 24.97
N MET A 271 19.52 -14.68 23.84
CA MET A 271 18.93 -14.12 22.61
C MET A 271 17.78 -14.96 22.04
N THR A 272 17.94 -16.27 22.06
CA THR A 272 16.87 -17.20 21.65
C THR A 272 15.61 -17.02 22.50
N VAL A 273 15.80 -16.92 23.82
CA VAL A 273 14.65 -16.82 24.71
C VAL A 273 14.02 -15.44 24.58
N MET A 274 14.83 -14.41 24.41
CA MET A 274 14.26 -13.06 24.26
C MET A 274 13.33 -12.98 23.05
N ARG A 275 13.77 -13.57 21.93
CA ARG A 275 12.98 -13.61 20.71
C ARG A 275 11.73 -14.47 20.91
N ARG A 276 11.88 -15.58 21.62
CA ARG A 276 10.72 -16.38 21.98
C ARG A 276 9.74 -15.56 22.82
N MET A 277 10.25 -14.85 23.82
CA MET A 277 9.41 -13.97 24.62
C MET A 277 8.76 -12.87 23.77
N MET A 278 9.50 -12.28 22.83
CA MET A 278 8.91 -11.33 21.87
C MET A 278 7.72 -11.92 21.14
N MET A 279 7.88 -13.11 20.58
CA MET A 279 6.82 -13.76 19.83
C MET A 279 5.62 -14.11 20.71
N ARG A 280 5.86 -14.49 21.96
CA ARG A 280 4.75 -14.81 22.85
C ARG A 280 3.94 -13.55 23.12
N ILE A 281 4.62 -12.45 23.42
CA ILE A 281 3.96 -11.18 23.70
C ILE A 281 3.19 -10.68 22.47
N THR A 282 3.83 -10.80 21.31
CA THR A 282 3.23 -10.36 20.06
C THR A 282 1.95 -11.12 19.74
N GLU A 283 1.93 -12.42 20.00
CA GLU A 283 0.74 -13.24 19.83
C GLU A 283 -0.37 -12.78 20.76
N ARG A 284 -0.02 -12.48 22.02
CA ARG A 284 -1.01 -11.96 22.98
C ARG A 284 -1.58 -10.61 22.52
N ILE A 285 -0.75 -9.78 21.89
CA ILE A 285 -1.23 -8.51 21.32
C ILE A 285 -2.11 -8.76 20.08
N ALA A 286 -1.70 -9.70 19.22
CA ALA A 286 -2.46 -10.07 18.02
C ALA A 286 -3.87 -10.45 18.37
N GLU A 287 -4.01 -11.26 19.42
CA GLU A 287 -5.34 -11.67 19.88
C GLU A 287 -6.17 -10.46 20.32
N GLU A 288 -5.62 -9.65 21.22
CA GLU A 288 -6.26 -8.40 21.65
C GLU A 288 -6.75 -7.55 20.47
N ARG A 289 -5.99 -7.55 19.38
CA ARG A 289 -6.25 -6.63 18.27
C ARG A 289 -6.97 -7.30 17.11
N ASN A 290 -7.44 -8.53 17.33
CA ASN A 290 -8.04 -9.37 16.31
C ASN A 290 -7.23 -9.46 15.02
N ALA A 291 -5.92 -9.64 15.17
CA ALA A 291 -5.00 -9.89 14.06
C ALA A 291 -4.79 -11.39 13.95
N LEU A 292 -4.72 -11.88 12.72
CA LEU A 292 -4.71 -13.32 12.46
C LEU A 292 -3.31 -13.88 12.18
N ALA A 293 -2.33 -12.99 12.06
CA ALA A 293 -0.97 -13.38 11.74
C ALA A 293 0.02 -12.36 12.25
N ILE A 294 1.29 -12.66 12.07
CA ILE A 294 2.39 -11.80 12.50
C ILE A 294 3.40 -11.72 11.36
N THR A 295 3.78 -10.49 10.97
CA THR A 295 4.75 -10.28 9.91
C THR A 295 6.15 -9.97 10.47
N THR A 296 7.20 -10.56 9.89
CA THR A 296 8.56 -10.18 10.25
C THR A 296 9.37 -9.90 9.00
N GLY A 297 10.53 -9.25 9.17
CA GLY A 297 11.42 -8.98 8.06
C GLY A 297 12.53 -10.00 7.97
N GLU A 298 12.34 -11.17 8.56
CA GLU A 298 13.34 -12.25 8.52
C GLU A 298 13.60 -12.65 7.07
N SER A 299 14.84 -12.95 6.76
CA SER A 299 15.17 -13.55 5.47
C SER A 299 16.19 -14.67 5.69
N LEU A 300 16.29 -15.61 4.76
CA LEU A 300 17.25 -16.71 4.92
C LEU A 300 18.60 -16.34 4.39
N GLY A 301 19.64 -16.65 5.14
CA GLY A 301 20.99 -16.75 4.58
C GLY A 301 21.82 -15.49 4.37
N GLN A 302 21.37 -14.37 4.91
CA GLN A 302 22.24 -13.18 5.02
C GLN A 302 23.08 -13.28 6.30
N VAL A 303 24.20 -12.57 6.30
CA VAL A 303 25.10 -12.57 7.46
C VAL A 303 24.39 -12.26 8.79
N ALA A 304 23.50 -11.26 8.77
CA ALA A 304 22.78 -10.87 9.98
C ALA A 304 21.44 -11.62 10.12
N SER A 305 21.13 -12.45 9.14
CA SER A 305 19.90 -13.24 9.21
C SER A 305 20.12 -14.48 10.10
N GLN A 306 19.05 -14.88 10.79
CA GLN A 306 19.12 -16.03 11.68
C GLN A 306 19.20 -17.32 10.86
N THR A 307 19.77 -18.35 11.46
CA THR A 307 19.79 -19.68 10.85
C THR A 307 18.39 -20.29 10.92
N LEU A 308 18.18 -21.31 10.10
CA LEU A 308 16.99 -22.15 10.17
C LEU A 308 16.80 -22.77 11.57
N ASP A 309 17.90 -23.19 12.19
CA ASP A 309 17.87 -23.70 13.57
C ASP A 309 17.33 -22.66 14.54
N SER A 310 17.85 -21.44 14.45
CA SER A 310 17.31 -20.35 15.24
C SER A 310 15.81 -20.15 14.98
N MET A 311 15.43 -20.09 13.71
CA MET A 311 14.05 -19.86 13.33
C MET A 311 13.15 -20.98 13.85
N HIS A 312 13.63 -22.21 13.69
CA HIS A 312 12.91 -23.39 14.14
C HIS A 312 12.64 -23.34 15.65
N THR A 313 13.61 -22.88 16.43
CA THR A 313 13.50 -22.87 17.86
C THR A 313 12.62 -21.72 18.38
N ILE A 314 12.59 -20.60 17.66
CA ILE A 314 11.83 -19.43 18.11
C ILE A 314 10.35 -19.62 17.79
N ASN A 315 10.09 -20.20 16.63
CA ASN A 315 8.73 -20.44 16.16
C ASN A 315 7.95 -21.47 17.00
N GLU A 316 8.64 -22.20 17.87
CA GLU A 316 8.00 -23.19 18.72
C GLU A 316 6.85 -22.63 19.52
N VAL A 317 6.96 -21.37 19.91
CA VAL A 317 6.04 -20.77 20.88
C VAL A 317 4.74 -20.21 20.28
N THR A 318 4.59 -20.29 18.97
CA THR A 318 3.39 -19.78 18.29
C THR A 318 3.03 -20.64 17.10
N ASN A 319 1.74 -20.92 16.95
CA ASN A 319 1.23 -21.59 15.78
C ASN A 319 0.37 -20.61 14.96
N TYR A 320 0.51 -19.30 15.25
CA TYR A 320 -0.02 -18.26 14.39
C TYR A 320 0.81 -18.20 13.12
N PRO A 321 0.15 -17.95 11.97
CA PRO A 321 0.96 -17.79 10.77
C PRO A 321 2.01 -16.70 11.00
N VAL A 322 3.24 -16.96 10.57
CA VAL A 322 4.29 -15.94 10.60
C VAL A 322 4.65 -15.61 9.15
N ILE A 323 4.10 -14.49 8.67
CA ILE A 323 4.29 -14.01 7.30
C ILE A 323 5.70 -13.47 7.19
N ARG A 324 6.50 -14.01 6.27
CA ARG A 324 7.89 -13.59 6.09
C ARG A 324 8.16 -13.18 4.64
N PRO A 325 7.72 -11.97 4.24
CA PRO A 325 7.79 -11.52 2.84
C PRO A 325 9.17 -11.62 2.20
N LEU A 326 10.22 -11.40 2.99
CA LEU A 326 11.57 -11.32 2.47
C LEU A 326 12.29 -12.64 2.61
N ILE A 327 11.56 -13.68 3.03
CA ILE A 327 12.18 -14.95 3.41
C ILE A 327 13.19 -15.48 2.39
N THR A 328 12.93 -15.27 1.10
CA THR A 328 13.84 -15.77 0.06
C THR A 328 14.37 -14.65 -0.82
N MET A 329 14.28 -13.41 -0.34
CA MET A 329 14.84 -12.26 -1.07
C MET A 329 16.30 -12.00 -0.67
N ASP A 330 17.10 -11.44 -1.57
CA ASP A 330 18.47 -11.05 -1.22
C ASP A 330 18.53 -9.60 -0.76
N LYS A 331 19.64 -9.24 -0.12
CA LYS A 331 19.88 -7.86 0.34
C LYS A 331 19.54 -6.80 -0.70
N LEU A 332 19.96 -7.02 -1.95
CA LEU A 332 19.83 -6.02 -3.01
C LEU A 332 18.38 -5.68 -3.35
N GLU A 333 17.54 -6.70 -3.48
CA GLU A 333 16.13 -6.44 -3.76
C GLU A 333 15.44 -5.81 -2.57
N ILE A 334 15.85 -6.20 -1.37
CA ILE A 334 15.34 -5.58 -0.15
C ILE A 334 15.69 -4.09 -0.09
N ILE A 335 16.95 -3.76 -0.40
CA ILE A 335 17.40 -2.39 -0.35
C ILE A 335 16.72 -1.56 -1.44
N LYS A 336 16.62 -2.15 -2.63
CA LYS A 336 15.97 -1.49 -3.74
C LYS A 336 14.57 -1.00 -3.32
N ILE A 337 13.78 -1.89 -2.72
CA ILE A 337 12.44 -1.54 -2.33
C ILE A 337 12.42 -0.49 -1.21
N ALA A 338 13.33 -0.63 -0.25
CA ALA A 338 13.42 0.28 0.87
C ALA A 338 13.76 1.68 0.38
N GLU A 339 14.55 1.76 -0.69
CA GLU A 339 14.86 3.03 -1.30
C GLU A 339 13.64 3.59 -2.01
N GLU A 340 13.00 2.76 -2.84
CA GLU A 340 11.77 3.13 -3.57
C GLU A 340 10.65 3.69 -2.68
N ILE A 341 10.43 3.05 -1.54
CA ILE A 341 9.38 3.47 -0.61
C ILE A 341 9.87 4.52 0.38
N GLY A 342 11.16 4.83 0.36
CA GLY A 342 11.75 5.88 1.19
C GLY A 342 11.92 5.58 2.66
N THR A 343 12.16 4.32 3.02
CA THR A 343 12.46 3.96 4.40
C THR A 343 13.96 3.70 4.57
N TYR A 344 14.65 3.46 3.46
CA TYR A 344 16.07 3.14 3.50
C TYR A 344 16.92 4.11 4.34
N ASP A 345 16.89 5.40 4.01
CA ASP A 345 17.77 6.35 4.72
C ASP A 345 17.39 6.58 6.19
N ILE A 346 16.17 6.24 6.59
CA ILE A 346 15.84 6.26 8.00
C ILE A 346 16.47 5.06 8.68
N SER A 347 16.23 3.87 8.11
CA SER A 347 16.79 2.63 8.62
C SER A 347 18.30 2.71 8.81
N ILE A 348 18.94 3.49 7.94
CA ILE A 348 20.39 3.53 7.85
C ILE A 348 21.04 4.30 9.02
N ARG A 349 20.26 5.17 9.67
CA ARG A 349 20.70 5.89 10.89
C ARG A 349 21.34 4.95 11.94
N PRO A 350 22.59 5.23 12.35
CA PRO A 350 23.43 4.19 12.98
C PRO A 350 23.29 4.03 14.50
N TYR A 351 22.14 3.51 14.95
CA TYR A 351 21.92 3.17 16.36
C TYR A 351 21.36 1.75 16.49
N LYS A 366 23.68 -22.99 17.01
CA LYS A 366 22.44 -23.61 16.54
C LYS A 366 21.55 -23.97 17.73
N PRO A 367 20.62 -23.08 18.10
CA PRO A 367 19.73 -23.35 19.23
C PRO A 367 18.79 -24.52 18.99
N LYS A 368 18.64 -25.35 20.02
CA LYS A 368 17.71 -26.48 19.98
C LYS A 368 16.50 -26.18 20.87
N ARG A 369 15.35 -26.74 20.50
CA ARG A 369 14.10 -26.63 21.27
C ARG A 369 14.19 -27.25 22.71
N GLU A 370 14.83 -28.40 22.83
CA GLU A 370 15.05 -29.07 24.11
C GLU A 370 15.73 -28.17 25.15
N LYS A 371 16.80 -27.47 24.74
CA LYS A 371 17.51 -26.61 25.66
C LYS A 371 16.73 -25.33 25.92
N ALA A 372 16.10 -24.78 24.90
CA ALA A 372 15.29 -23.58 25.09
C ALA A 372 14.19 -23.83 26.12
N ASN A 373 13.57 -25.01 26.05
CA ASN A 373 12.49 -25.36 26.96
C ASN A 373 13.00 -25.62 28.37
N ARG A 374 14.10 -26.39 28.45
CA ARG A 374 14.73 -26.75 29.73
C ARG A 374 15.19 -25.54 30.52
N PHE A 375 15.72 -24.53 29.84
CA PHE A 375 16.14 -23.29 30.50
C PHE A 375 14.92 -22.47 30.95
N GLU A 376 13.93 -22.33 30.07
CA GLU A 376 12.72 -21.57 30.40
C GLU A 376 11.91 -22.21 31.55
N ALA A 377 12.06 -23.52 31.71
CA ALA A 377 11.42 -24.25 32.81
C ALA A 377 11.81 -23.72 34.19
N LYS A 378 12.97 -23.07 34.27
CA LYS A 378 13.55 -22.62 35.54
C LYS A 378 12.94 -21.35 36.15
N TYR A 379 12.17 -20.60 35.36
CA TYR A 379 11.51 -19.38 35.84
C TYR A 379 10.21 -19.11 35.08
N ASP A 380 9.16 -18.70 35.79
CA ASP A 380 7.85 -18.44 35.18
C ASP A 380 7.76 -17.00 34.62
N PHE A 381 7.82 -16.90 33.29
CA PHE A 381 7.84 -15.62 32.58
C PHE A 381 6.44 -15.09 32.31
N THR A 382 5.42 -15.86 32.68
CA THR A 382 4.02 -15.49 32.44
C THR A 382 3.62 -14.11 33.01
N PRO A 383 3.99 -13.81 34.27
CA PRO A 383 3.66 -12.47 34.77
C PRO A 383 4.34 -11.35 33.98
N LEU A 384 5.61 -11.55 33.64
CA LEU A 384 6.35 -10.63 32.78
C LEU A 384 5.69 -10.46 31.41
N ILE A 385 5.31 -11.58 30.77
CA ILE A 385 4.63 -11.56 29.49
C ILE A 385 3.33 -10.76 29.57
N ASP A 386 2.52 -11.04 30.59
CA ASP A 386 1.22 -10.39 30.75
C ASP A 386 1.33 -8.89 31.04
N GLU A 387 2.36 -8.50 31.82
CA GLU A 387 2.55 -7.09 32.17
C GLU A 387 3.03 -6.29 30.97
N ALA A 388 3.89 -6.90 30.16
CA ALA A 388 4.40 -6.26 28.94
C ALA A 388 3.25 -5.96 27.98
N VAL A 389 2.34 -6.92 27.82
CA VAL A 389 1.12 -6.70 27.03
C VAL A 389 0.31 -5.55 27.64
N ALA A 390 0.11 -5.58 28.95
CA ALA A 390 -0.66 -4.54 29.66
C ALA A 390 -0.02 -3.16 29.61
N ASN A 391 1.30 -3.13 29.40
CA ASN A 391 2.09 -1.89 29.47
C ASN A 391 2.39 -1.26 28.10
N LYS A 392 2.04 -1.94 27.02
CA LYS A 392 2.26 -1.40 25.68
C LYS A 392 1.61 -0.03 25.49
N GLU A 393 2.31 0.84 24.79
CA GLU A 393 1.75 2.14 24.46
C GLU A 393 1.41 2.13 22.99
N THR A 394 0.38 2.89 22.63
CA THR A 394 -0.08 2.90 21.26
C THR A 394 -0.08 4.32 20.70
N MET A 395 0.65 4.49 19.60
CA MET A 395 0.62 5.72 18.81
C MET A 395 -0.13 5.43 17.53
N VAL A 396 -0.83 6.42 17.00
CA VAL A 396 -1.53 6.29 15.73
C VAL A 396 -1.04 7.37 14.79
N LEU A 397 -0.39 6.95 13.70
CA LEU A 397 0.23 7.86 12.77
C LEU A 397 -0.53 8.00 11.44
N GLN A 398 -0.52 9.21 10.90
CA GLN A 398 -1.22 9.55 9.68
C GLN A 398 -0.26 10.35 8.85
N THR A 399 -0.51 10.42 7.55
CA THR A 399 0.25 11.33 6.70
C THR A 399 -0.28 12.73 6.92
N VAL A 400 0.62 13.60 7.34
CA VAL A 400 0.31 14.94 7.78
C VAL A 400 0.48 15.95 6.62
N GLU A 401 -0.39 15.79 5.62
CA GLU A 401 -0.49 16.67 4.44
C GLU A 401 0.37 17.95 4.46
#